data_3A8R
#
_entry.id   3A8R
#
_cell.length_a   60.418
_cell.length_b   72.162
_cell.length_c   118.902
_cell.angle_alpha   90.00
_cell.angle_beta   90.00
_cell.angle_gamma   90.00
#
_symmetry.space_group_name_H-M   'P 21 21 21'
#
loop_
_entity.id
_entity.type
_entity.pdbx_description
1 polymer 'Putative uncharacterized protein'
2 non-polymer 'CALCIUM ION'
3 water water
#
_entity_poly.entity_id   1
_entity_poly.type   'polypeptide(L)'
_entity_poly.pdbx_seq_one_letter_code
;AMGTKSSAAVALKGLQFVTAKVGNDGWAAVEKRFNQLQVDGVLLRSRFGKCIGMDGSDEFAVQMFDSLARKRGIVKQVLT
KDELKDFYEQLTDQGFDNRLRTFFDMVDKNADGRLTAEEVKEIIALSASANKLSKIKERADEYTALIMEELDPTNLGYIE
MEDLEALLLQSPSEAAARS
;
_entity_poly.pdbx_strand_id   A,B
#
# COMPACT_ATOMS: atom_id res chain seq x y z
N THR A 4 -14.94 -22.39 -12.40
CA THR A 4 -13.90 -23.36 -11.89
C THR A 4 -12.51 -22.98 -12.42
N LYS A 5 -12.29 -23.17 -13.71
CA LYS A 5 -11.00 -22.86 -14.35
C LYS A 5 -10.36 -21.57 -13.78
N SER A 6 -10.84 -20.42 -14.25
CA SER A 6 -10.24 -19.16 -13.85
C SER A 6 -10.50 -18.95 -12.36
N SER A 7 -11.60 -19.51 -11.86
CA SER A 7 -11.98 -19.42 -10.45
C SER A 7 -11.05 -20.22 -9.50
N ALA A 8 -10.71 -21.42 -9.91
CA ALA A 8 -9.81 -22.29 -9.14
C ALA A 8 -8.34 -21.91 -9.30
N ALA A 9 -7.99 -21.22 -10.39
CA ALA A 9 -6.62 -20.77 -10.60
C ALA A 9 -6.34 -19.60 -9.66
N VAL A 10 -7.32 -18.70 -9.60
CA VAL A 10 -7.30 -17.56 -8.68
C VAL A 10 -7.06 -18.01 -7.22
N ALA A 11 -7.83 -19.00 -6.78
CA ALA A 11 -7.71 -19.58 -5.45
C ALA A 11 -6.43 -20.40 -5.27
N LEU A 12 -5.99 -21.04 -6.35
CA LEU A 12 -4.76 -21.83 -6.29
C LEU A 12 -3.58 -20.95 -6.02
N LYS A 13 -3.60 -19.79 -6.65
CA LYS A 13 -2.47 -18.90 -6.72
C LYS A 13 -2.30 -18.14 -5.40
N GLY A 14 -3.41 -17.86 -4.73
CA GLY A 14 -3.39 -17.33 -3.37
C GLY A 14 -2.82 -18.37 -2.41
N LEU A 15 -3.13 -19.64 -2.63
CA LEU A 15 -2.59 -20.72 -1.78
C LEU A 15 -1.10 -20.93 -1.97
N GLN A 16 -0.63 -20.79 -3.22
CA GLN A 16 0.82 -20.93 -3.49
C GLN A 16 1.62 -19.70 -2.99
N PHE A 17 0.99 -18.53 -3.03
CA PHE A 17 1.62 -17.31 -2.61
C PHE A 17 1.93 -17.38 -1.12
N VAL A 18 0.94 -17.83 -0.35
CA VAL A 18 1.10 -18.00 1.09
C VAL A 18 2.08 -19.12 1.45
N THR A 19 1.95 -20.25 0.79
CA THR A 19 2.90 -21.33 0.91
C THR A 19 4.34 -20.87 0.65
N ALA A 20 4.53 -20.03 -0.35
CA ALA A 20 5.89 -19.65 -0.77
C ALA A 20 6.48 -18.63 0.21
N LYS A 21 5.66 -17.68 0.60
CA LYS A 21 6.08 -16.64 1.50
C LYS A 21 6.53 -17.24 2.84
N VAL A 22 5.94 -18.35 3.23
CA VAL A 22 6.27 -18.93 4.52
C VAL A 22 7.62 -19.62 4.46
N GLY A 23 7.89 -20.30 3.34
CA GLY A 23 9.12 -21.10 3.14
C GLY A 23 9.08 -22.39 3.92
N ASN A 24 10.21 -23.10 4.01
CA ASN A 24 10.34 -24.37 4.76
C ASN A 24 11.74 -24.55 5.36
N ASP A 25 12.23 -23.56 6.08
CA ASP A 25 13.50 -23.77 6.77
C ASP A 25 13.36 -24.97 7.70
N GLY A 26 14.46 -25.68 7.92
CA GLY A 26 14.52 -26.81 8.85
C GLY A 26 14.53 -26.32 10.28
N TRP A 27 14.35 -27.24 11.22
CA TRP A 27 14.25 -26.89 12.63
C TRP A 27 15.54 -26.37 13.15
N ALA A 28 16.66 -26.93 12.68
CA ALA A 28 17.98 -26.46 13.12
C ALA A 28 18.05 -24.94 12.99
N ALA A 29 17.78 -24.46 11.78
CA ALA A 29 17.85 -23.03 11.50
C ALA A 29 16.89 -22.20 12.38
N VAL A 30 15.61 -22.54 12.41
CA VAL A 30 14.64 -21.70 13.14
C VAL A 30 14.91 -21.70 14.65
N GLU A 31 15.35 -22.83 15.22
CA GLU A 31 15.68 -22.89 16.64
C GLU A 31 16.91 -22.00 16.91
N LYS A 32 17.92 -22.10 16.05
CA LYS A 32 19.09 -21.22 16.15
C LYS A 32 18.68 -19.72 16.10
N ARG A 33 17.83 -19.37 15.15
CA ARG A 33 17.37 -17.99 15.02
C ARG A 33 16.56 -17.53 16.22
N PHE A 34 15.75 -18.44 16.75
CA PHE A 34 15.01 -18.19 17.97
C PHE A 34 15.96 -17.74 19.07
N ASN A 35 16.92 -18.60 19.38
CA ASN A 35 17.91 -18.33 20.43
C ASN A 35 18.49 -16.92 20.36
N GLN A 36 18.66 -16.41 19.14
CA GLN A 36 19.18 -15.06 18.92
C GLN A 36 18.13 -13.95 19.01
N LEU A 37 16.89 -14.28 18.66
CA LEU A 37 15.85 -13.27 18.56
C LEU A 37 15.08 -13.14 19.87
N GLN A 38 15.10 -14.22 20.63
CA GLN A 38 14.43 -14.35 21.92
C GLN A 38 14.87 -13.28 22.90
N VAL A 39 13.94 -12.78 23.71
CA VAL A 39 14.27 -11.99 24.91
C VAL A 39 13.42 -12.41 26.16
N ASP A 40 14.12 -12.64 27.28
CA ASP A 40 13.55 -13.22 28.51
C ASP A 40 12.78 -14.52 28.28
N GLY A 41 13.31 -15.35 27.39
CA GLY A 41 12.72 -16.63 27.10
C GLY A 41 11.66 -16.66 26.00
N VAL A 42 11.15 -15.50 25.58
CA VAL A 42 10.04 -15.45 24.65
C VAL A 42 10.40 -14.73 23.35
N LEU A 43 9.64 -15.09 22.31
CA LEU A 43 9.79 -14.52 21.01
C LEU A 43 8.61 -13.62 20.67
N LEU A 44 8.92 -12.38 20.37
CA LEU A 44 7.98 -11.35 19.92
C LEU A 44 7.26 -11.68 18.59
N ARG A 45 5.99 -11.37 18.58
CA ARG A 45 5.23 -11.37 17.36
C ARG A 45 6.01 -10.67 16.20
N SER A 46 6.61 -9.52 16.45
CA SER A 46 7.30 -8.76 15.39
C SER A 46 8.50 -9.49 14.81
N ARG A 47 8.93 -10.55 15.52
CA ARG A 47 10.13 -11.36 15.21
C ARG A 47 9.85 -12.77 14.72
N PHE A 48 8.59 -13.11 14.66
CA PHE A 48 8.17 -14.43 14.16
C PHE A 48 8.56 -14.67 12.72
N GLY A 49 8.41 -13.66 11.88
CA GLY A 49 8.76 -13.77 10.48
C GLY A 49 10.22 -14.14 10.32
N LYS A 50 11.08 -13.33 10.91
CA LYS A 50 12.52 -13.57 10.84
C LYS A 50 12.87 -14.92 11.40
N CYS A 51 12.21 -15.30 12.49
CA CYS A 51 12.53 -16.59 13.10
C CYS A 51 12.18 -17.77 12.19
N ILE A 52 11.03 -17.69 11.52
CA ILE A 52 10.59 -18.77 10.63
C ILE A 52 11.28 -18.74 9.28
N GLY A 53 11.73 -17.57 8.86
CA GLY A 53 12.46 -17.44 7.60
C GLY A 53 11.54 -17.13 6.45
N MET A 54 10.44 -16.46 6.74
CA MET A 54 9.48 -16.11 5.74
C MET A 54 10.08 -15.07 4.84
N ASP A 55 9.46 -14.86 3.69
CA ASP A 55 9.71 -13.71 2.84
C ASP A 55 8.50 -12.82 2.96
N GLY A 56 8.21 -11.99 1.97
CA GLY A 56 6.96 -11.24 2.03
C GLY A 56 7.10 -10.20 3.13
N SER A 57 6.02 -9.51 3.45
CA SER A 57 6.18 -8.31 4.22
C SER A 57 6.17 -8.58 5.70
N ASP A 58 6.62 -7.61 6.47
CA ASP A 58 6.52 -7.74 7.90
C ASP A 58 5.06 -7.92 8.27
N GLU A 59 4.17 -7.28 7.53
CA GLU A 59 2.74 -7.44 7.75
C GLU A 59 2.27 -8.85 7.47
N PHE A 60 2.79 -9.47 6.41
CA PHE A 60 2.43 -10.85 6.13
C PHE A 60 2.83 -11.73 7.31
N ALA A 61 4.00 -11.48 7.89
CA ALA A 61 4.54 -12.30 8.97
C ALA A 61 3.67 -12.25 10.22
N VAL A 62 3.29 -11.05 10.60
CA VAL A 62 2.46 -10.89 11.78
C VAL A 62 1.01 -11.44 11.56
N GLN A 63 0.47 -11.29 10.36
CA GLN A 63 -0.87 -11.86 10.07
C GLN A 63 -0.77 -13.38 10.22
N MET A 64 0.27 -13.98 9.63
CA MET A 64 0.48 -15.40 9.76
C MET A 64 0.56 -15.79 11.23
N PHE A 65 1.44 -15.12 11.97
CA PHE A 65 1.51 -15.30 13.42
C PHE A 65 0.15 -15.32 14.07
N ASP A 66 -0.63 -14.29 13.81
CA ASP A 66 -1.88 -14.07 14.51
C ASP A 66 -2.81 -15.22 14.21
N SER A 67 -2.74 -15.73 12.99
CA SER A 67 -3.69 -16.76 12.54
C SER A 67 -3.42 -18.08 13.25
N LEU A 68 -2.13 -18.38 13.43
CA LEU A 68 -1.73 -19.54 14.22
C LEU A 68 -2.09 -19.35 15.69
N ALA A 69 -1.93 -18.14 16.23
CA ALA A 69 -2.35 -17.88 17.62
C ALA A 69 -3.87 -18.04 17.83
N ARG A 70 -4.66 -17.45 16.94
CA ARG A 70 -6.12 -17.52 16.98
C ARG A 70 -6.58 -18.97 17.09
N LYS A 71 -5.98 -19.83 16.28
CA LYS A 71 -6.27 -21.24 16.28
C LYS A 71 -6.07 -21.87 17.65
N ARG A 72 -5.08 -21.37 18.38
CA ARG A 72 -4.71 -21.97 19.66
C ARG A 72 -5.19 -21.16 20.83
N GLY A 73 -5.96 -20.11 20.58
CA GLY A 73 -6.38 -19.20 21.67
C GLY A 73 -5.24 -18.47 22.38
N ILE A 74 -4.11 -18.29 21.69
CA ILE A 74 -2.98 -17.58 22.30
C ILE A 74 -3.17 -16.11 22.03
N VAL A 75 -3.22 -15.33 23.08
CA VAL A 75 -3.61 -13.93 22.96
C VAL A 75 -2.47 -12.94 23.37
N LYS A 76 -1.47 -13.45 24.05
CA LYS A 76 -0.33 -12.66 24.36
C LYS A 76 0.40 -12.54 23.00
N GLN A 77 1.28 -11.58 22.85
CA GLN A 77 1.90 -11.43 21.57
C GLN A 77 3.31 -11.94 21.67
N VAL A 78 3.52 -12.91 22.54
CA VAL A 78 4.82 -13.46 22.78
C VAL A 78 4.74 -15.01 22.82
N LEU A 79 5.79 -15.70 22.33
CA LEU A 79 5.82 -17.16 22.43
C LEU A 79 7.00 -17.72 23.20
N THR A 80 6.77 -18.80 23.95
CA THR A 80 7.86 -19.56 24.56
C THR A 80 8.38 -20.39 23.44
N LYS A 81 9.48 -21.07 23.68
CA LYS A 81 10.13 -21.89 22.68
C LYS A 81 9.20 -23.03 22.28
N ASP A 82 8.57 -23.65 23.28
CA ASP A 82 7.63 -24.74 23.05
C ASP A 82 6.58 -24.31 22.01
N GLU A 83 5.94 -23.19 22.32
CA GLU A 83 4.85 -22.68 21.54
C GLU A 83 5.34 -22.37 20.11
N LEU A 84 6.56 -21.88 20.02
CA LEU A 84 7.08 -21.47 18.73
C LEU A 84 7.30 -22.72 17.89
N LYS A 85 7.86 -23.75 18.51
CA LYS A 85 8.08 -25.03 17.85
C LYS A 85 6.76 -25.66 17.30
N ASP A 86 5.72 -25.58 18.11
CA ASP A 86 4.38 -25.95 17.68
C ASP A 86 3.91 -25.15 16.43
N PHE A 87 4.12 -23.83 16.45
CA PHE A 87 3.75 -23.00 15.27
C PHE A 87 4.60 -23.47 14.08
N TYR A 88 5.90 -23.66 14.33
CA TYR A 88 6.81 -24.17 13.29
C TYR A 88 6.31 -25.47 12.71
N GLU A 89 5.83 -26.38 13.55
CA GLU A 89 5.49 -27.71 13.07
C GLU A 89 4.29 -27.66 12.11
N GLN A 90 3.29 -26.86 12.42
CA GLN A 90 2.12 -26.70 11.53
C GLN A 90 2.55 -26.12 10.20
N LEU A 91 3.38 -25.10 10.25
CA LEU A 91 3.87 -24.41 9.05
C LEU A 91 4.74 -25.28 8.18
N THR A 92 5.48 -26.20 8.79
CA THR A 92 6.49 -27.00 8.09
C THR A 92 5.85 -28.24 7.45
N ASP A 93 4.68 -28.64 7.95
CA ASP A 93 3.89 -29.70 7.31
C ASP A 93 3.34 -29.24 5.93
N GLN A 94 4.04 -29.66 4.86
CA GLN A 94 3.65 -29.28 3.48
C GLN A 94 2.62 -30.23 2.86
N GLY A 95 2.05 -31.13 3.65
CA GLY A 95 0.88 -31.89 3.22
C GLY A 95 -0.25 -30.97 2.78
N PHE A 96 -0.92 -31.31 1.69
CA PHE A 96 -2.02 -30.47 1.21
C PHE A 96 -3.10 -30.14 2.28
N ASP A 97 -3.74 -31.14 2.87
CA ASP A 97 -4.75 -30.88 3.91
C ASP A 97 -4.31 -29.70 4.79
N ASN A 98 -3.12 -29.84 5.37
CA ASN A 98 -2.59 -28.92 6.38
C ASN A 98 -2.34 -27.53 5.80
N ARG A 99 -1.76 -27.50 4.60
CA ARG A 99 -1.49 -26.24 3.94
C ARG A 99 -2.77 -25.48 3.65
N LEU A 100 -3.81 -26.21 3.25
CA LEU A 100 -5.11 -25.60 3.01
C LEU A 100 -5.70 -25.02 4.28
N ARG A 101 -5.53 -25.71 5.39
CA ARG A 101 -6.05 -25.21 6.65
C ARG A 101 -5.36 -23.89 7.03
N THR A 102 -4.04 -23.92 6.99
CA THR A 102 -3.23 -22.79 7.38
C THR A 102 -3.65 -21.57 6.55
N PHE A 103 -3.84 -21.80 5.25
CA PHE A 103 -4.28 -20.78 4.29
C PHE A 103 -5.64 -20.22 4.73
N PHE A 104 -6.56 -21.13 4.97
CA PHE A 104 -7.90 -20.72 5.36
C PHE A 104 -7.84 -19.82 6.61
N ASP A 105 -7.09 -20.26 7.63
CA ASP A 105 -7.05 -19.49 8.87
C ASP A 105 -6.41 -18.15 8.65
N MET A 106 -5.47 -18.08 7.71
CA MET A 106 -4.81 -16.79 7.40
C MET A 106 -5.80 -15.80 6.81
N VAL A 107 -6.60 -16.28 5.85
CA VAL A 107 -7.64 -15.47 5.21
C VAL A 107 -8.80 -15.15 6.17
N ASP A 108 -9.02 -16.06 7.12
CA ASP A 108 -10.11 -15.94 8.08
C ASP A 108 -9.75 -15.10 9.30
N LYS A 109 -9.80 -13.79 9.12
CA LYS A 109 -9.23 -12.85 10.10
C LYS A 109 -9.94 -12.89 11.45
N ASN A 110 -11.22 -13.23 11.47
CA ASN A 110 -11.93 -13.39 12.72
C ASN A 110 -12.17 -14.81 13.15
N ALA A 111 -11.47 -15.76 12.55
CA ALA A 111 -11.61 -17.18 12.94
C ALA A 111 -13.06 -17.69 13.14
N ASP A 112 -14.01 -17.28 12.29
CA ASP A 112 -15.39 -17.74 12.40
C ASP A 112 -15.64 -18.89 11.44
N GLY A 113 -14.56 -19.47 10.92
CA GLY A 113 -14.64 -20.56 9.97
C GLY A 113 -15.33 -20.19 8.68
N ARG A 114 -15.42 -18.89 8.38
CA ARG A 114 -16.11 -18.43 7.19
C ARG A 114 -15.32 -17.35 6.50
N LEU A 115 -15.28 -17.42 5.18
CA LEU A 115 -14.62 -16.46 4.36
C LEU A 115 -15.64 -15.59 3.66
N THR A 116 -15.67 -14.31 4.04
CA THR A 116 -16.51 -13.32 3.38
C THR A 116 -15.85 -12.78 2.12
N ALA A 117 -16.62 -12.09 1.30
CA ALA A 117 -16.15 -11.38 0.11
C ALA A 117 -14.97 -10.46 0.44
N GLU A 118 -15.10 -9.75 1.52
CA GLU A 118 -14.07 -8.83 2.00
C GLU A 118 -12.80 -9.61 2.30
N GLU A 119 -12.90 -10.76 2.98
CA GLU A 119 -11.69 -11.53 3.34
C GLU A 119 -11.04 -12.09 2.08
N VAL A 120 -11.87 -12.51 1.15
CA VAL A 120 -11.37 -13.13 -0.06
C VAL A 120 -10.65 -12.11 -0.95
N LYS A 121 -11.27 -10.94 -1.14
CA LYS A 121 -10.66 -9.87 -1.95
C LYS A 121 -9.27 -9.51 -1.46
N GLU A 122 -9.06 -9.58 -0.16
CA GLU A 122 -7.83 -9.15 0.48
C GLU A 122 -6.65 -10.06 0.14
N ILE A 123 -6.76 -11.39 0.26
CA ILE A 123 -5.57 -12.21 -0.17
C ILE A 123 -5.41 -12.23 -1.68
N ILE A 124 -6.48 -12.15 -2.44
CA ILE A 124 -6.33 -12.08 -3.88
C ILE A 124 -5.50 -10.84 -4.22
N ALA A 125 -5.91 -9.68 -3.70
CA ALA A 125 -5.18 -8.40 -3.88
C ALA A 125 -3.70 -8.51 -3.52
N LEU A 126 -3.44 -9.10 -2.36
CA LEU A 126 -2.09 -9.23 -1.83
C LEU A 126 -1.29 -10.22 -2.68
N SER A 127 -1.86 -11.38 -2.95
CA SER A 127 -1.15 -12.35 -3.80
C SER A 127 -0.86 -11.81 -5.20
N ALA A 128 -1.69 -10.88 -5.68
CA ALA A 128 -1.44 -10.21 -6.96
C ALA A 128 -0.44 -9.04 -6.81
N SER A 129 -0.44 -8.38 -5.66
CA SER A 129 0.35 -7.16 -5.42
C SER A 129 1.77 -7.42 -5.01
N ALA A 130 1.95 -8.20 -3.95
CA ALA A 130 3.23 -8.28 -3.24
C ALA A 130 4.43 -8.11 -4.17
N ASN A 131 4.68 -9.10 -5.02
CA ASN A 131 5.87 -9.16 -5.90
C ASN A 131 6.31 -7.89 -6.68
N LYS A 132 5.35 -7.13 -7.19
CA LYS A 132 5.68 -6.06 -8.16
C LYS A 132 6.15 -4.75 -7.51
N LEU A 133 6.00 -4.61 -6.20
CA LEU A 133 6.54 -3.46 -5.43
C LEU A 133 7.99 -3.17 -5.84
N SER A 134 8.83 -4.19 -5.68
CA SER A 134 10.27 -4.06 -5.96
C SER A 134 10.47 -3.93 -7.45
N LYS A 135 9.73 -4.74 -8.21
CA LYS A 135 9.74 -4.66 -9.68
C LYS A 135 9.44 -3.23 -10.16
N ILE A 136 8.58 -2.53 -9.43
CA ILE A 136 8.28 -1.14 -9.71
C ILE A 136 9.40 -0.23 -9.17
N LYS A 137 9.83 -0.45 -7.92
CA LYS A 137 10.95 0.34 -7.32
C LYS A 137 12.22 0.32 -8.21
N GLU A 138 12.36 -0.74 -8.99
CA GLU A 138 13.49 -0.89 -9.87
C GLU A 138 13.27 -0.25 -11.24
N ARG A 139 12.05 -0.31 -11.75
CA ARG A 139 11.71 0.49 -12.94
C ARG A 139 11.86 1.98 -12.64
N ALA A 140 11.51 2.40 -11.42
CA ALA A 140 11.60 3.81 -11.00
C ALA A 140 13.04 4.31 -11.10
N ASP A 141 13.97 3.52 -10.58
CA ASP A 141 15.41 3.88 -10.64
C ASP A 141 15.87 4.07 -12.08
N GLU A 142 15.48 3.15 -12.97
CA GLU A 142 15.77 3.27 -14.41
C GLU A 142 15.17 4.53 -15.03
N TYR A 143 14.03 5.00 -14.50
CA TYR A 143 13.43 6.25 -14.97
C TYR A 143 14.11 7.47 -14.38
N THR A 144 14.15 7.52 -13.05
CA THR A 144 14.83 8.58 -12.33
C THR A 144 16.18 8.88 -12.96
N ALA A 145 17.12 7.95 -12.82
CA ALA A 145 18.46 8.07 -13.37
C ALA A 145 18.46 8.13 -14.91
N LEU A 146 17.31 8.47 -15.51
CA LEU A 146 17.16 8.69 -16.94
C LEU A 146 16.53 10.06 -17.21
N ILE A 147 15.62 10.45 -16.32
CA ILE A 147 15.14 11.83 -16.21
C ILE A 147 16.37 12.69 -15.91
N MET A 148 17.19 12.24 -14.97
CA MET A 148 18.38 12.98 -14.51
C MET A 148 19.44 13.12 -15.59
N GLU A 149 19.84 11.99 -16.16
CA GLU A 149 20.89 12.01 -17.18
C GLU A 149 20.43 12.70 -18.47
N GLU A 150 19.19 13.20 -18.48
CA GLU A 150 18.66 13.98 -19.61
C GLU A 150 18.34 15.45 -19.24
N LEU A 151 17.77 15.68 -18.05
CA LEU A 151 17.50 17.05 -17.57
C LEU A 151 18.72 17.64 -16.83
N ASP A 152 19.66 16.79 -16.48
CA ASP A 152 20.91 17.23 -15.83
C ASP A 152 22.12 16.60 -16.54
N PRO A 153 22.26 16.88 -17.87
CA PRO A 153 23.27 16.26 -18.72
C PRO A 153 24.69 16.23 -18.12
N THR A 154 25.09 17.33 -17.48
CA THR A 154 26.46 17.44 -16.95
C THR A 154 26.54 16.92 -15.51
N ASN A 155 25.43 16.51 -14.93
CA ASN A 155 25.46 15.90 -13.60
C ASN A 155 25.82 16.93 -12.53
N LEU A 156 25.04 18.02 -12.49
CA LEU A 156 25.05 18.98 -11.37
C LEU A 156 24.40 18.37 -10.13
N GLY A 157 23.49 17.40 -10.33
CA GLY A 157 22.84 16.61 -9.27
C GLY A 157 21.37 16.91 -8.96
N TYR A 158 20.72 17.74 -9.77
CA TYR A 158 19.38 18.23 -9.43
C TYR A 158 18.72 18.80 -10.68
N ILE A 159 17.41 18.98 -10.63
CA ILE A 159 16.69 19.58 -11.75
C ILE A 159 15.92 20.81 -11.28
N GLU A 160 15.83 21.80 -12.14
CA GLU A 160 15.12 23.02 -11.78
C GLU A 160 13.76 23.05 -12.44
N MET A 161 12.89 23.94 -11.94
CA MET A 161 11.58 24.16 -12.52
C MET A 161 11.68 24.46 -14.03
N GLU A 162 12.62 25.29 -14.42
CA GLU A 162 12.72 25.62 -15.84
C GLU A 162 13.22 24.45 -16.70
N ASP A 163 13.96 23.52 -16.12
CA ASP A 163 14.28 22.27 -16.82
C ASP A 163 12.98 21.53 -17.15
N LEU A 164 12.04 21.61 -16.21
CA LEU A 164 10.70 21.11 -16.43
C LEU A 164 9.95 21.94 -17.48
N GLU A 165 9.87 23.24 -17.27
CA GLU A 165 9.23 24.13 -18.23
C GLU A 165 9.66 23.79 -19.65
N ALA A 166 10.96 23.69 -19.89
CA ALA A 166 11.47 23.37 -21.23
C ALA A 166 11.15 21.91 -21.63
N LEU A 167 11.14 20.99 -20.68
CA LEU A 167 10.87 19.58 -21.01
C LEU A 167 9.49 19.45 -21.66
N LEU A 168 8.47 19.98 -21.00
CA LEU A 168 7.09 19.71 -21.44
C LEU A 168 6.47 20.82 -22.31
N LEU A 169 7.28 21.76 -22.76
CA LEU A 169 6.78 22.93 -23.47
C LEU A 169 7.75 23.28 -24.60
N THR B 4 13.98 12.51 -24.33
CA THR B 4 12.60 13.09 -24.43
C THR B 4 11.55 12.01 -24.17
N LYS B 5 11.41 11.11 -25.14
CA LYS B 5 10.19 10.32 -25.27
C LYS B 5 9.72 9.69 -23.93
N SER B 6 10.58 8.87 -23.31
CA SER B 6 10.22 8.12 -22.09
C SER B 6 10.29 9.01 -20.85
N SER B 7 11.17 10.01 -20.88
CA SER B 7 11.32 10.97 -19.78
C SER B 7 10.18 12.03 -19.72
N ALA B 8 9.85 12.65 -20.84
CA ALA B 8 8.72 13.59 -20.90
C ALA B 8 7.43 12.91 -20.41
N ALA B 9 7.18 11.70 -20.91
CA ALA B 9 6.01 10.92 -20.53
C ALA B 9 6.04 10.47 -19.08
N VAL B 10 7.23 10.39 -18.48
CA VAL B 10 7.32 10.02 -17.06
C VAL B 10 7.13 11.19 -16.11
N ALA B 11 7.56 12.38 -16.53
CA ALA B 11 7.22 13.59 -15.79
C ALA B 11 5.69 13.71 -15.76
N LEU B 12 5.08 13.64 -16.94
CA LEU B 12 3.62 13.73 -17.13
C LEU B 12 2.85 12.76 -16.24
N LYS B 13 3.19 11.47 -16.33
CA LYS B 13 2.66 10.44 -15.45
C LYS B 13 2.63 10.88 -14.00
N GLY B 14 3.72 11.53 -13.56
CA GLY B 14 3.82 12.01 -12.19
C GLY B 14 2.92 13.21 -11.93
N LEU B 15 2.83 14.13 -12.90
CA LEU B 15 1.94 15.29 -12.81
C LEU B 15 0.49 14.81 -12.71
N GLN B 16 0.09 13.98 -13.69
CA GLN B 16 -1.28 13.44 -13.79
C GLN B 16 -1.59 12.80 -12.44
N PHE B 17 -0.63 12.09 -11.87
CA PHE B 17 -0.89 11.40 -10.63
C PHE B 17 -1.26 12.36 -9.48
N VAL B 18 -0.54 13.46 -9.37
CA VAL B 18 -0.77 14.39 -8.29
C VAL B 18 -2.06 15.15 -8.50
N THR B 19 -2.25 15.62 -9.73
CA THR B 19 -3.49 16.25 -10.16
C THR B 19 -4.72 15.43 -9.77
N ALA B 20 -4.66 14.12 -10.02
CA ALA B 20 -5.74 13.19 -9.72
C ALA B 20 -5.92 12.92 -8.22
N LYS B 21 -4.84 12.88 -7.46
CA LYS B 21 -4.95 12.69 -6.03
C LYS B 21 -5.63 13.91 -5.39
N VAL B 22 -5.31 15.10 -5.89
CA VAL B 22 -6.00 16.30 -5.45
C VAL B 22 -7.45 16.28 -5.89
N GLY B 23 -7.69 15.92 -7.14
CA GLY B 23 -9.05 15.85 -7.66
C GLY B 23 -9.49 17.23 -8.08
N ASN B 24 -10.76 17.35 -8.45
CA ASN B 24 -11.28 18.58 -9.04
C ASN B 24 -12.66 18.91 -8.48
N ASP B 25 -12.85 18.71 -7.17
CA ASP B 25 -14.10 19.05 -6.55
C ASP B 25 -14.37 20.54 -6.61
N GLY B 26 -15.62 20.89 -6.90
CA GLY B 26 -16.09 22.28 -6.87
C GLY B 26 -16.10 22.89 -5.46
N TRP B 27 -16.22 24.21 -5.43
CA TRP B 27 -16.09 24.94 -4.20
C TRP B 27 -17.24 24.64 -3.22
N ALA B 28 -18.43 24.36 -3.72
CA ALA B 28 -19.59 24.16 -2.86
C ALA B 28 -19.45 22.89 -2.02
N ALA B 29 -18.82 21.88 -2.62
CA ALA B 29 -18.53 20.62 -1.94
C ALA B 29 -17.34 20.77 -0.97
N VAL B 30 -16.31 21.48 -1.39
CA VAL B 30 -15.19 21.69 -0.48
C VAL B 30 -15.63 22.52 0.74
N GLU B 31 -16.46 23.54 0.51
CA GLU B 31 -16.86 24.43 1.61
C GLU B 31 -17.74 23.73 2.61
N LYS B 32 -18.54 22.79 2.15
CA LYS B 32 -19.47 22.10 3.05
C LYS B 32 -18.69 21.13 3.90
N ARG B 33 -17.73 20.45 3.29
CA ARG B 33 -16.81 19.64 4.08
C ARG B 33 -16.07 20.52 5.13
N PHE B 34 -15.67 21.74 4.74
CA PHE B 34 -15.00 22.61 5.66
C PHE B 34 -15.88 22.83 6.86
N ASN B 35 -17.12 23.27 6.61
CA ASN B 35 -18.17 23.43 7.65
C ASN B 35 -18.29 22.23 8.58
N GLN B 36 -18.12 21.05 8.02
CA GLN B 36 -18.23 19.83 8.82
C GLN B 36 -16.99 19.61 9.65
N LEU B 37 -15.82 19.94 9.09
CA LEU B 37 -14.54 19.57 9.65
C LEU B 37 -13.98 20.62 10.61
N GLN B 38 -14.25 21.89 10.33
CA GLN B 38 -13.76 22.98 11.16
C GLN B 38 -14.15 22.93 12.61
N VAL B 39 -13.32 23.54 13.45
CA VAL B 39 -13.64 23.75 14.86
C VAL B 39 -13.33 25.22 15.18
N ASP B 40 -14.23 25.85 15.89
CA ASP B 40 -14.19 27.29 16.12
C ASP B 40 -13.76 28.11 14.92
N GLY B 41 -14.20 27.71 13.74
CA GLY B 41 -13.99 28.47 12.50
C GLY B 41 -12.72 28.11 11.78
N VAL B 42 -12.03 27.08 12.24
CA VAL B 42 -10.70 26.79 11.77
C VAL B 42 -10.52 25.28 11.33
N LEU B 43 -9.83 25.08 10.21
CA LEU B 43 -9.57 23.74 9.62
C LEU B 43 -8.16 23.32 9.99
N LEU B 44 -8.05 22.19 10.68
CA LEU B 44 -6.75 21.63 11.04
C LEU B 44 -6.06 21.05 9.81
N ARG B 45 -4.75 21.04 9.93
CA ARG B 45 -3.85 20.45 8.96
C ARG B 45 -4.24 19.03 8.70
N SER B 46 -4.56 18.27 9.73
CA SER B 46 -4.88 16.85 9.57
C SER B 46 -6.18 16.58 8.79
N ARG B 47 -7.04 17.58 8.65
CA ARG B 47 -8.29 17.43 7.94
C ARG B 47 -8.23 18.03 6.57
N PHE B 48 -7.11 18.60 6.22
CA PHE B 48 -6.96 19.24 4.93
C PHE B 48 -7.28 18.31 3.75
N GLY B 49 -6.79 17.08 3.79
CA GLY B 49 -7.03 16.13 2.69
C GLY B 49 -8.50 15.86 2.54
N LYS B 50 -9.14 15.59 3.67
CA LYS B 50 -10.55 15.30 3.63
C LYS B 50 -11.36 16.52 3.11
N CYS B 51 -11.01 17.70 3.58
CA CYS B 51 -11.72 18.89 3.15
C CYS B 51 -11.60 19.07 1.65
N ILE B 52 -10.40 18.97 1.10
CA ILE B 52 -10.20 19.23 -0.32
C ILE B 52 -10.82 18.13 -1.21
N GLY B 53 -10.96 16.93 -0.64
CA GLY B 53 -11.53 15.77 -1.33
C GLY B 53 -10.45 14.90 -1.93
N MET B 54 -9.28 14.90 -1.29
CA MET B 54 -8.10 14.19 -1.79
C MET B 54 -8.21 12.66 -1.73
N ASP B 55 -7.43 11.99 -2.57
CA ASP B 55 -7.59 10.53 -2.85
C ASP B 55 -6.46 9.73 -2.24
N GLY B 56 -5.38 10.42 -1.90
CA GLY B 56 -4.16 9.74 -1.59
C GLY B 56 -4.11 9.29 -0.16
N SER B 57 -2.89 9.13 0.33
CA SER B 57 -2.62 8.79 1.71
C SER B 57 -2.76 10.01 2.59
N ASP B 58 -2.85 9.78 3.89
CA ASP B 58 -2.81 10.89 4.88
C ASP B 58 -1.57 11.76 4.71
N GLU B 59 -0.45 11.10 4.53
CA GLU B 59 0.84 11.74 4.52
C GLU B 59 0.94 12.60 3.27
N PHE B 60 0.47 12.10 2.15
CA PHE B 60 0.41 12.89 0.93
C PHE B 60 -0.40 14.19 1.11
N ALA B 61 -1.57 14.07 1.76
CA ALA B 61 -2.42 15.23 2.03
C ALA B 61 -1.70 16.29 2.89
N VAL B 62 -1.11 15.85 3.95
CA VAL B 62 -0.42 16.76 4.85
C VAL B 62 0.80 17.46 4.22
N GLN B 63 1.56 16.73 3.42
CA GLN B 63 2.69 17.27 2.66
C GLN B 63 2.26 18.33 1.60
N MET B 64 1.14 18.10 0.93
CA MET B 64 0.54 19.12 0.08
C MET B 64 0.18 20.37 0.89
N PHE B 65 -0.43 20.18 2.06
CA PHE B 65 -0.76 21.30 2.93
C PHE B 65 0.51 22.14 3.22
N ASP B 66 1.55 21.49 3.71
CA ASP B 66 2.77 22.20 4.07
C ASP B 66 3.38 22.92 2.90
N SER B 67 3.34 22.32 1.69
CA SER B 67 3.94 23.01 0.53
C SER B 67 3.14 24.26 0.20
N LEU B 68 1.81 24.18 0.35
CA LEU B 68 0.94 25.33 0.14
C LEU B 68 1.10 26.36 1.27
N ALA B 69 1.13 25.90 2.51
CA ALA B 69 1.38 26.79 3.62
C ALA B 69 2.74 27.49 3.42
N ARG B 70 3.74 26.69 3.18
CA ARG B 70 5.11 27.18 3.14
C ARG B 70 5.19 28.31 2.15
N LYS B 71 4.65 28.07 0.98
CA LYS B 71 4.56 29.07 -0.06
C LYS B 71 3.92 30.39 0.38
N ARG B 72 3.08 30.35 1.40
CA ARG B 72 2.27 31.52 1.75
C ARG B 72 2.79 32.15 3.02
N GLY B 73 3.82 31.54 3.60
CA GLY B 73 4.34 31.98 4.88
C GLY B 73 3.42 31.58 6.03
N ILE B 74 2.55 30.60 5.84
CA ILE B 74 1.67 30.19 6.96
C ILE B 74 2.38 29.15 7.83
N VAL B 75 2.38 29.41 9.13
CA VAL B 75 3.17 28.62 10.02
C VAL B 75 2.28 27.99 11.11
N LYS B 76 1.08 28.54 11.33
CA LYS B 76 0.14 27.80 12.19
C LYS B 76 -0.39 26.61 11.44
N GLN B 77 -0.96 25.68 12.14
CA GLN B 77 -1.38 24.51 11.41
C GLN B 77 -2.89 24.45 11.29
N VAL B 78 -3.49 25.63 11.15
CA VAL B 78 -4.88 25.82 11.23
C VAL B 78 -5.25 26.84 10.13
N LEU B 79 -6.29 26.55 9.35
CA LEU B 79 -6.74 27.50 8.34
C LEU B 79 -8.17 28.02 8.53
N THR B 80 -8.38 29.33 8.39
CA THR B 80 -9.75 29.89 8.28
C THR B 80 -10.37 29.53 6.93
N LYS B 81 -11.67 29.82 6.78
CA LYS B 81 -12.38 29.52 5.55
C LYS B 81 -11.76 30.23 4.35
N ASP B 82 -11.41 31.49 4.52
CA ASP B 82 -10.73 32.31 3.50
C ASP B 82 -9.33 31.80 3.13
N GLU B 83 -8.56 31.40 4.13
CA GLU B 83 -7.27 30.80 3.81
C GLU B 83 -7.50 29.46 3.06
N LEU B 84 -8.35 28.58 3.59
CA LEU B 84 -8.64 27.33 2.90
C LEU B 84 -9.07 27.62 1.48
N LYS B 85 -9.91 28.63 1.32
CA LYS B 85 -10.41 28.94 -0.02
C LYS B 85 -9.25 29.32 -0.94
N ASP B 86 -8.28 30.04 -0.41
CA ASP B 86 -7.09 30.41 -1.20
C ASP B 86 -6.22 29.18 -1.55
N PHE B 87 -6.06 28.25 -0.62
CA PHE B 87 -5.40 27.00 -0.95
C PHE B 87 -6.13 26.28 -2.06
N TYR B 88 -7.45 26.19 -1.93
CA TYR B 88 -8.34 25.58 -2.95
C TYR B 88 -8.23 26.18 -4.37
N GLU B 89 -8.22 27.50 -4.45
CA GLU B 89 -8.11 28.23 -5.74
C GLU B 89 -6.87 27.77 -6.48
N GLN B 90 -5.75 27.67 -5.77
CA GLN B 90 -4.55 27.19 -6.41
C GLN B 90 -4.70 25.74 -6.88
N LEU B 91 -5.25 24.88 -6.03
CA LEU B 91 -5.29 23.45 -6.36
C LEU B 91 -6.26 23.12 -7.48
N THR B 92 -7.30 23.94 -7.72
CA THR B 92 -8.25 23.71 -8.86
C THR B 92 -7.93 24.53 -10.08
N ASP B 93 -6.94 25.40 -10.00
CA ASP B 93 -6.52 26.09 -11.22
C ASP B 93 -5.85 25.00 -12.05
N GLN B 94 -6.50 24.60 -13.14
CA GLN B 94 -6.10 23.42 -13.89
C GLN B 94 -5.17 23.82 -15.06
N GLY B 95 -4.85 25.11 -15.11
CA GLY B 95 -3.79 25.61 -15.99
C GLY B 95 -2.52 24.80 -15.86
N PHE B 96 -1.68 24.84 -16.88
CA PHE B 96 -0.54 23.94 -16.96
C PHE B 96 0.63 24.46 -16.16
N ASP B 97 0.96 25.73 -16.36
CA ASP B 97 1.96 26.39 -15.53
C ASP B 97 1.67 26.19 -14.07
N ASN B 98 0.42 26.46 -13.67
CA ASN B 98 0.02 26.36 -12.27
C ASN B 98 0.17 24.95 -11.72
N ARG B 99 -0.29 23.97 -12.49
CA ARG B 99 -0.20 22.58 -12.08
C ARG B 99 1.25 22.10 -11.95
N LEU B 100 2.09 22.57 -12.87
CA LEU B 100 3.50 22.21 -12.92
C LEU B 100 4.21 22.78 -11.71
N ARG B 101 3.76 23.97 -11.30
CA ARG B 101 4.31 24.64 -10.13
C ARG B 101 4.00 23.89 -8.85
N THR B 102 2.72 23.63 -8.64
CA THR B 102 2.27 22.88 -7.48
C THR B 102 2.88 21.49 -7.41
N PHE B 103 3.07 20.86 -8.57
CA PHE B 103 3.66 19.52 -8.62
C PHE B 103 5.09 19.65 -8.14
N PHE B 104 5.80 20.60 -8.73
CA PHE B 104 7.19 20.84 -8.38
C PHE B 104 7.35 21.02 -6.87
N ASP B 105 6.59 21.93 -6.28
CA ASP B 105 6.70 22.19 -4.84
C ASP B 105 6.37 20.95 -4.03
N MET B 106 5.32 20.25 -4.42
CA MET B 106 4.95 18.98 -3.78
C MET B 106 6.10 17.96 -3.82
N VAL B 107 6.73 17.78 -4.96
CA VAL B 107 7.79 16.78 -5.09
C VAL B 107 9.08 17.27 -4.42
N ASP B 108 9.19 18.59 -4.22
CA ASP B 108 10.38 19.24 -3.66
C ASP B 108 10.23 19.41 -2.15
N LYS B 109 10.36 18.27 -1.48
CA LYS B 109 9.98 18.07 -0.07
C LYS B 109 10.72 18.94 0.94
N ASN B 110 11.99 19.23 0.64
CA ASN B 110 12.80 20.13 1.47
C ASN B 110 12.75 21.59 1.01
N ALA B 111 11.87 21.90 0.05
CA ALA B 111 11.72 23.29 -0.45
C ALA B 111 13.02 24.07 -0.74
N ASP B 112 14.02 23.47 -1.40
CA ASP B 112 15.19 24.28 -1.88
C ASP B 112 15.08 24.75 -3.36
N GLY B 113 13.96 24.48 -4.03
CA GLY B 113 13.83 24.86 -5.44
C GLY B 113 14.69 24.02 -6.39
N ARG B 114 15.08 22.83 -5.93
CA ARG B 114 15.75 21.86 -6.78
C ARG B 114 15.16 20.50 -6.52
N LEU B 115 15.24 19.63 -7.50
CA LEU B 115 14.81 18.27 -7.29
C LEU B 115 15.98 17.30 -7.54
N THR B 116 16.29 16.53 -6.50
CA THR B 116 17.37 15.58 -6.53
C THR B 116 16.84 14.27 -7.08
N ALA B 117 17.75 13.36 -7.41
CA ALA B 117 17.39 11.99 -7.86
C ALA B 117 16.43 11.29 -6.91
N GLU B 118 16.54 11.62 -5.63
CA GLU B 118 15.80 10.93 -4.58
C GLU B 118 14.34 11.35 -4.61
N GLU B 119 14.13 12.65 -4.64
CA GLU B 119 12.80 13.25 -4.69
C GLU B 119 12.09 12.77 -5.94
N VAL B 120 12.82 12.80 -7.05
CA VAL B 120 12.22 12.38 -8.28
C VAL B 120 11.76 10.91 -8.19
N LYS B 121 12.67 10.01 -7.81
CA LYS B 121 12.33 8.59 -7.69
C LYS B 121 11.15 8.38 -6.73
N GLU B 122 11.19 9.11 -5.61
CA GLU B 122 10.16 8.98 -4.63
C GLU B 122 8.78 9.02 -5.35
N ILE B 123 8.49 10.12 -6.01
CA ILE B 123 7.21 10.32 -6.62
C ILE B 123 6.97 9.43 -7.83
N ILE B 124 8.03 9.03 -8.54
CA ILE B 124 7.87 8.07 -9.64
C ILE B 124 7.36 6.70 -9.13
N ALA B 125 7.90 6.28 -7.99
CA ALA B 125 7.58 4.99 -7.38
C ALA B 125 6.20 4.97 -6.72
N LEU B 126 5.94 6.01 -5.94
CA LEU B 126 4.62 6.19 -5.35
C LEU B 126 3.52 6.07 -6.43
N SER B 127 3.63 6.90 -7.44
CA SER B 127 2.60 7.00 -8.45
C SER B 127 2.38 5.72 -9.23
N ALA B 128 3.46 5.09 -9.69
CA ALA B 128 3.37 3.80 -10.38
C ALA B 128 2.74 2.73 -9.48
N SER B 129 3.26 2.65 -8.26
CA SER B 129 2.86 1.64 -7.32
C SER B 129 1.41 1.85 -6.80
N ALA B 130 1.05 3.10 -6.55
CA ALA B 130 -0.35 3.40 -6.13
C ALA B 130 -1.27 3.08 -7.28
N ASN B 131 -0.84 3.41 -8.50
CA ASN B 131 -1.66 3.10 -9.66
C ASN B 131 -1.84 1.62 -9.96
N LYS B 132 -0.78 0.84 -9.75
CA LYS B 132 -0.84 -0.60 -9.89
C LYS B 132 -1.70 -1.23 -8.78
N LEU B 133 -1.67 -0.65 -7.59
CA LEU B 133 -2.51 -1.11 -6.49
C LEU B 133 -3.99 -0.86 -6.74
N SER B 134 -4.36 0.34 -7.19
CA SER B 134 -5.75 0.58 -7.50
C SER B 134 -6.27 -0.41 -8.53
N LYS B 135 -5.53 -0.58 -9.63
CA LYS B 135 -5.90 -1.50 -10.72
C LYS B 135 -6.12 -2.93 -10.15
N ILE B 136 -5.18 -3.38 -9.35
CA ILE B 136 -5.24 -4.70 -8.75
C ILE B 136 -6.49 -4.88 -7.88
N LYS B 137 -6.81 -3.88 -7.08
CA LYS B 137 -8.03 -3.94 -6.29
C LYS B 137 -9.32 -4.02 -7.12
N GLU B 138 -9.35 -3.42 -8.31
CA GLU B 138 -10.56 -3.55 -9.15
C GLU B 138 -10.64 -4.97 -9.66
N ARG B 139 -9.51 -5.51 -10.10
CA ARG B 139 -9.48 -6.89 -10.58
C ARG B 139 -9.88 -7.90 -9.48
N ALA B 140 -9.19 -7.81 -8.35
CA ALA B 140 -9.46 -8.60 -7.16
C ALA B 140 -10.95 -8.61 -6.85
N ASP B 141 -11.54 -7.42 -6.84
CA ASP B 141 -12.98 -7.25 -6.68
C ASP B 141 -13.80 -8.10 -7.64
N GLU B 142 -13.39 -8.09 -8.90
CA GLU B 142 -14.05 -8.93 -9.91
C GLU B 142 -13.75 -10.42 -9.72
N TYR B 143 -12.53 -10.76 -9.35
CA TYR B 143 -12.24 -12.13 -9.03
C TYR B 143 -12.99 -12.61 -7.78
N THR B 144 -13.18 -11.73 -6.82
CA THR B 144 -13.94 -12.09 -5.65
C THR B 144 -15.37 -12.39 -6.04
N ALA B 145 -16.02 -11.47 -6.75
CA ALA B 145 -17.41 -11.66 -7.16
C ALA B 145 -17.58 -12.98 -7.90
N LEU B 146 -16.58 -13.38 -8.65
CA LEU B 146 -16.69 -14.62 -9.38
C LEU B 146 -16.55 -15.83 -8.46
N ILE B 147 -15.59 -15.80 -7.55
CA ILE B 147 -15.48 -16.86 -6.58
C ILE B 147 -16.77 -16.99 -5.75
N MET B 148 -17.27 -15.87 -5.25
CA MET B 148 -18.46 -15.91 -4.40
C MET B 148 -19.66 -16.38 -5.22
N GLU B 149 -19.71 -15.94 -6.46
CA GLU B 149 -20.81 -16.28 -7.31
C GLU B 149 -20.79 -17.78 -7.51
N GLU B 150 -19.61 -18.35 -7.68
CA GLU B 150 -19.48 -19.79 -7.91
C GLU B 150 -19.58 -20.67 -6.64
N LEU B 151 -18.99 -20.22 -5.52
CA LEU B 151 -18.92 -21.05 -4.32
C LEU B 151 -20.05 -20.74 -3.35
N ASP B 152 -20.79 -19.65 -3.59
CA ASP B 152 -21.89 -19.23 -2.73
C ASP B 152 -23.08 -18.78 -3.56
N PRO B 153 -23.53 -19.63 -4.51
CA PRO B 153 -24.65 -19.22 -5.38
C PRO B 153 -25.92 -18.95 -4.63
N THR B 154 -26.07 -19.51 -3.43
CA THR B 154 -27.31 -19.35 -2.66
C THR B 154 -27.20 -18.14 -1.73
N ASN B 155 -26.06 -17.46 -1.76
CA ASN B 155 -25.94 -16.19 -1.09
C ASN B 155 -25.95 -16.24 0.45
N LEU B 156 -25.16 -17.14 1.04
CA LEU B 156 -24.91 -17.08 2.48
C LEU B 156 -24.17 -15.78 2.86
N GLY B 157 -23.49 -15.15 1.91
CA GLY B 157 -22.57 -14.05 2.22
C GLY B 157 -21.18 -14.53 2.67
N TYR B 158 -20.83 -15.78 2.40
CA TYR B 158 -19.52 -16.35 2.75
C TYR B 158 -19.34 -17.75 2.18
N ILE B 159 -18.12 -18.26 2.22
CA ILE B 159 -17.83 -19.63 1.85
C ILE B 159 -17.07 -20.32 2.96
N GLU B 160 -17.05 -21.65 2.95
CA GLU B 160 -16.43 -22.43 4.00
C GLU B 160 -15.30 -23.30 3.47
N MET B 161 -14.59 -23.93 4.38
CA MET B 161 -13.42 -24.76 4.04
C MET B 161 -13.79 -25.78 2.98
N GLU B 162 -14.87 -26.49 3.25
CA GLU B 162 -15.41 -27.49 2.34
C GLU B 162 -15.50 -26.92 0.92
N ASP B 163 -15.98 -25.69 0.76
CA ASP B 163 -16.11 -25.13 -0.59
C ASP B 163 -14.75 -24.90 -1.29
N LEU B 164 -13.74 -24.46 -0.53
CA LEU B 164 -12.39 -24.27 -1.09
C LEU B 164 -11.79 -25.60 -1.53
N GLU B 165 -11.91 -26.65 -0.71
CA GLU B 165 -11.42 -27.97 -1.12
C GLU B 165 -11.95 -28.26 -2.52
N ALA B 166 -13.24 -28.55 -2.59
CA ALA B 166 -13.92 -28.74 -3.85
C ALA B 166 -13.34 -27.81 -4.92
N LEU B 167 -13.25 -26.52 -4.65
CA LEU B 167 -12.79 -25.63 -5.73
C LEU B 167 -11.39 -26.04 -6.22
N LEU B 168 -10.55 -26.52 -5.31
CA LEU B 168 -9.14 -26.87 -5.62
C LEU B 168 -8.94 -28.33 -6.04
N LEU B 169 -9.26 -29.29 -5.15
CA LEU B 169 -9.20 -30.75 -5.49
C LEU B 169 -9.80 -31.13 -6.89
N GLN B 170 -10.47 -30.17 -7.53
CA GLN B 170 -11.16 -30.37 -8.81
C GLN B 170 -10.56 -29.46 -9.91
#